data_7Q4T
#
_entry.id   7Q4T
#
_cell.length_a   43.581
_cell.length_b   61.173
_cell.length_c   69.210
_cell.angle_alpha   90.000
_cell.angle_beta   90.000
_cell.angle_gamma   90.000
#
_symmetry.space_group_name_H-M   'P 21 21 21'
#
loop_
_entity.id
_entity.type
_entity.pdbx_description
1 polymer Endolysin
2 polymer ALA-DGL
3 branched '2-acetamido-2-deoxy-beta-D-glucopyranose-(1-4)-N-acetyl-alpha-muramic acid'
4 non-polymer DI(HYDROXYETHYL)ETHER
5 non-polymer 1,2-ETHANEDIOL
6 water water
#
loop_
_entity_poly.entity_id
_entity_poly.type
_entity_poly.pdbx_seq_one_letter_code
_entity_poly.pdbx_strand_id
1 'polypeptide(L)'
;MGSSHHHHHHSSGLVPRGSHMALTEQDFQSAADDLGVDVASVKAVTKVESRGSGFLLSGVPKILFERHWMFKLLKRKLGH
DPEINDVCNPKAGGYLGGQAEHERLDKAVKMDRDCALQSASWGLFQIMGFHWEALGYASVQAFVNAQYASEGSQLNTFVR
FIKINPAIHKALKSKNWAEFAKRYNGPDYKKNNYDVKLAEAYQSFK
;
AAA
2 'polypeptide(L)' A(DGL) LbL
#
# COMPACT_ATOMS: atom_id res chain seq x y z
N HIS A 20 15.43 -7.25 9.11
CA HIS A 20 13.97 -7.53 9.23
C HIS A 20 13.59 -8.70 8.31
N MET A 21 12.46 -9.34 8.60
CA MET A 21 11.94 -10.52 7.86
C MET A 21 11.47 -10.09 6.47
N ALA A 22 12.30 -10.31 5.44
CA ALA A 22 12.06 -10.05 3.98
C ALA A 22 11.26 -11.19 3.34
N LEU A 23 10.81 -11.04 2.07
CA LEU A 23 9.92 -12.04 1.41
C LEU A 23 10.69 -13.31 1.08
N THR A 24 10.09 -14.44 1.42
CA THR A 24 10.61 -15.80 1.19
C THR A 24 9.84 -16.45 0.02
N GLU A 25 10.34 -17.57 -0.50
CA GLU A 25 9.58 -18.36 -1.50
C GLU A 25 8.24 -18.78 -0.87
N GLN A 26 8.22 -19.12 0.42
CA GLN A 26 6.96 -19.56 1.07
C GLN A 26 5.98 -18.40 1.11
N ASP A 27 6.43 -17.18 1.40
CA ASP A 27 5.54 -15.99 1.38
C ASP A 27 4.87 -15.93 0.00
N PHE A 28 5.63 -16.07 -1.09
CA PHE A 28 5.05 -16.00 -2.45
C PHE A 28 4.07 -17.16 -2.68
N GLN A 29 4.43 -18.36 -2.26
CA GLN A 29 3.58 -19.56 -2.47
C GLN A 29 2.27 -19.40 -1.67
N SER A 30 2.37 -18.92 -0.43
CA SER A 30 1.17 -18.73 0.42
C SER A 30 0.26 -17.69 -0.20
N ALA A 31 0.83 -16.58 -0.65
CA ALA A 31 0.03 -15.51 -1.29
C ALA A 31 -0.64 -16.05 -2.56
N ALA A 32 0.11 -16.79 -3.37
CA ALA A 32 -0.42 -17.37 -4.62
C ALA A 32 -1.61 -18.29 -4.26
N ASP A 33 -1.42 -19.16 -3.28
CA ASP A 33 -2.48 -20.10 -2.86
C ASP A 33 -3.70 -19.32 -2.37
N ASP A 34 -3.50 -18.29 -1.56
CA ASP A 34 -4.63 -17.53 -0.94
C ASP A 34 -5.42 -16.80 -2.04
N LEU A 35 -4.75 -16.38 -3.11
CA LEU A 35 -5.38 -15.65 -4.23
C LEU A 35 -5.85 -16.60 -5.33
N GLY A 36 -5.46 -17.88 -5.28
CA GLY A 36 -5.78 -18.82 -6.35
C GLY A 36 -5.13 -18.45 -7.67
N VAL A 37 -3.86 -18.02 -7.61
CA VAL A 37 -3.06 -17.69 -8.81
C VAL A 37 -1.73 -18.43 -8.74
N ASP A 38 -0.98 -18.41 -9.83
CA ASP A 38 0.35 -19.05 -9.85
C ASP A 38 1.37 -18.14 -9.17
N VAL A 39 2.46 -18.74 -8.72
CA VAL A 39 3.53 -17.99 -8.00
C VAL A 39 4.11 -16.92 -8.95
N ALA A 40 4.23 -17.22 -10.24
CA ALA A 40 4.82 -16.26 -11.20
C ALA A 40 3.97 -14.98 -11.23
N SER A 41 2.65 -15.07 -11.10
CA SER A 41 1.76 -13.88 -11.10
C SER A 41 2.07 -13.03 -9.86
N VAL A 42 2.23 -13.65 -8.70
CA VAL A 42 2.52 -12.89 -7.46
C VAL A 42 3.90 -12.25 -7.58
N LYS A 43 4.89 -12.98 -8.09
CA LYS A 43 6.25 -12.41 -8.25
C LYS A 43 6.20 -11.25 -9.25
N ALA A 44 5.44 -11.39 -10.34
CA ALA A 44 5.34 -10.34 -11.37
C ALA A 44 4.75 -9.07 -10.76
N VAL A 45 3.65 -9.20 -10.02
CA VAL A 45 2.99 -8.00 -9.44
C VAL A 45 3.89 -7.40 -8.36
N THR A 46 4.62 -8.22 -7.64
CA THR A 46 5.57 -7.74 -6.61
C THR A 46 6.70 -6.96 -7.31
N LYS A 47 7.28 -7.52 -8.35
CA LYS A 47 8.40 -6.86 -9.05
C LYS A 47 7.95 -5.48 -9.55
N VAL A 48 6.78 -5.39 -10.16
CA VAL A 48 6.32 -4.16 -10.87
C VAL A 48 5.70 -3.17 -9.89
N GLU A 49 4.91 -3.64 -8.93
CA GLU A 49 4.03 -2.74 -8.12
C GLU A 49 4.62 -2.42 -6.76
N SER A 50 5.58 -3.20 -6.25
CA SER A 50 6.08 -2.97 -4.88
C SER A 50 7.23 -1.98 -4.90
N ARG A 51 7.59 -1.50 -3.70
CA ARG A 51 8.77 -0.64 -3.44
C ARG A 51 10.03 -1.52 -3.29
N GLY A 52 9.94 -2.83 -3.54
CA GLY A 52 11.10 -3.76 -3.47
C GLY A 52 11.36 -4.21 -2.04
N SER A 53 11.63 -3.25 -1.13
CA SER A 53 11.76 -3.45 0.35
C SER A 53 10.62 -2.72 1.05
N GLY A 54 10.06 -3.34 2.09
CA GLY A 54 8.95 -2.74 2.84
C GLY A 54 9.37 -1.98 4.07
N PHE A 55 10.67 -1.96 4.35
CA PHE A 55 11.22 -1.34 5.58
C PHE A 55 12.33 -0.38 5.22
N LEU A 56 12.48 0.63 6.06
CA LEU A 56 13.61 1.58 6.01
C LEU A 56 14.78 0.99 6.78
N LEU A 57 15.96 1.60 6.59
CA LEU A 57 17.20 1.24 7.31
C LEU A 57 16.94 1.15 8.83
N SER A 58 16.17 2.09 9.38
CA SER A 58 15.89 2.19 10.83
C SER A 58 15.08 0.99 11.31
N GLY A 59 14.44 0.23 10.42
CA GLY A 59 13.64 -0.95 10.78
C GLY A 59 12.14 -0.67 10.81
N VAL A 60 11.71 0.58 10.66
CA VAL A 60 10.27 0.92 10.60
C VAL A 60 9.78 0.72 9.17
N PRO A 61 8.46 0.52 8.96
CA PRO A 61 7.94 0.36 7.61
C PRO A 61 8.17 1.60 6.75
N LYS A 62 8.40 1.37 5.47
CA LYS A 62 8.41 2.45 4.47
C LYS A 62 7.01 3.06 4.38
N ILE A 63 6.92 4.36 4.46
CA ILE A 63 5.63 5.09 4.30
C ILE A 63 5.83 6.29 3.39
N LEU A 64 4.72 6.78 2.87
CA LEU A 64 4.61 8.14 2.31
C LEU A 64 3.41 8.79 2.95
N PHE A 65 3.64 9.95 3.56
CA PHE A 65 2.56 10.65 4.27
C PHE A 65 1.82 11.56 3.29
N GLU A 66 0.49 11.41 3.21
CA GLU A 66 -0.36 12.15 2.27
C GLU A 66 -1.17 13.22 3.02
N ARG A 67 -0.69 14.45 2.98
CA ARG A 67 -1.26 15.52 3.82
C ARG A 67 -2.69 15.89 3.38
N HIS A 68 -3.07 15.63 2.13
CA HIS A 68 -4.43 15.93 1.65
C HIS A 68 -5.41 14.88 2.18
N TRP A 69 -4.95 13.63 2.38
CA TRP A 69 -5.77 12.63 3.08
C TRP A 69 -5.91 13.04 4.55
N MET A 70 -4.84 13.55 5.16
CA MET A 70 -4.93 13.97 6.59
C MET A 70 -5.98 15.07 6.70
N PHE A 71 -5.94 16.04 5.80
CA PHE A 71 -6.92 17.15 5.80
C PHE A 71 -8.35 16.59 5.63
N LYS A 72 -8.55 15.71 4.66
CA LYS A 72 -9.89 15.18 4.33
C LYS A 72 -10.43 14.36 5.51
N LEU A 73 -9.59 13.50 6.09
CA LEU A 73 -10.05 12.59 7.16
C LEU A 73 -10.27 13.38 8.44
N LEU A 74 -9.40 14.31 8.78
CA LEU A 74 -9.56 15.08 10.04
C LEU A 74 -10.76 16.02 9.89
N LYS A 75 -10.98 16.59 8.70
CA LYS A 75 -12.18 17.42 8.42
C LYS A 75 -13.43 16.59 8.71
N ARG A 76 -13.47 15.34 8.24
CA ARG A 76 -14.63 14.42 8.40
C ARG A 76 -14.84 14.16 9.89
N LYS A 77 -13.75 13.92 10.63
CA LYS A 77 -13.78 13.63 12.09
C LYS A 77 -14.30 14.85 12.85
N LEU A 78 -13.77 16.03 12.57
CA LEU A 78 -14.02 17.28 13.34
C LEU A 78 -15.38 17.89 12.96
N GLY A 79 -15.83 17.67 11.72
CA GLY A 79 -17.03 18.33 11.14
C GLY A 79 -16.73 19.74 10.70
N HIS A 80 -15.45 20.09 10.58
CA HIS A 80 -14.98 21.41 10.10
C HIS A 80 -13.51 21.30 9.71
N ASP A 81 -13.00 22.27 8.95
CA ASP A 81 -11.60 22.27 8.47
C ASP A 81 -10.65 22.28 9.67
N PRO A 82 -9.61 21.41 9.69
CA PRO A 82 -8.55 21.50 10.70
C PRO A 82 -7.58 22.63 10.39
N GLU A 83 -6.63 22.89 11.30
CA GLU A 83 -5.48 23.80 11.04
C GLU A 83 -4.73 23.26 9.82
N ILE A 84 -4.25 24.16 8.96
CA ILE A 84 -3.48 23.79 7.74
C ILE A 84 -2.01 24.01 8.04
N ASN A 85 -1.21 23.01 7.73
CA ASN A 85 0.26 23.05 7.90
C ASN A 85 0.89 22.11 6.87
N ASP A 86 2.16 21.78 7.03
CA ASP A 86 2.93 20.99 6.05
C ASP A 86 2.47 19.52 6.05
N VAL A 87 1.74 19.07 7.06
CA VAL A 87 1.29 17.65 7.15
C VAL A 87 -0.24 17.57 7.16
N CYS A 88 -0.93 18.66 6.92
CA CYS A 88 -2.41 18.67 6.93
C CYS A 88 -2.86 19.82 6.04
N ASN A 89 -3.16 19.52 4.79
CA ASN A 89 -3.26 20.54 3.73
C ASN A 89 -4.08 19.97 2.59
N PRO A 90 -5.12 20.68 2.09
CA PRO A 90 -5.91 20.16 0.97
C PRO A 90 -5.07 20.04 -0.32
N LYS A 91 -3.95 20.75 -0.39
CA LYS A 91 -2.99 20.68 -1.53
C LYS A 91 -2.07 19.48 -1.32
N ALA A 92 -2.14 18.49 -2.21
CA ALA A 92 -1.30 17.27 -2.14
C ALA A 92 0.17 17.65 -2.35
N GLY A 93 1.07 16.84 -1.78
CA GLY A 93 2.52 16.95 -2.01
C GLY A 93 3.24 17.35 -0.74
N GLY A 94 4.36 18.06 -0.87
CA GLY A 94 5.18 18.45 0.29
C GLY A 94 5.94 17.28 0.89
N TYR A 95 6.29 16.30 0.09
CA TYR A 95 7.04 15.11 0.55
C TYR A 95 8.46 15.51 0.96
N LEU A 96 8.97 14.87 2.00
CA LEU A 96 10.39 14.94 2.40
C LEU A 96 11.15 13.64 2.07
N GLY A 97 10.45 12.52 2.02
CA GLY A 97 11.03 11.23 1.58
C GLY A 97 11.66 10.41 2.70
N GLY A 98 11.66 9.10 2.51
CA GLY A 98 12.47 8.21 3.34
C GLY A 98 12.10 8.32 4.81
N GLN A 99 13.10 8.31 5.68
CA GLN A 99 12.89 8.38 7.14
C GLN A 99 12.14 9.65 7.52
N ALA A 100 12.32 10.76 6.79
CA ALA A 100 11.66 12.02 7.13
C ALA A 100 10.13 11.86 7.05
N GLU A 101 9.61 10.93 6.25
CA GLU A 101 8.15 10.71 6.22
C GLU A 101 7.64 10.24 7.60
N HIS A 102 8.46 9.53 8.37
CA HIS A 102 8.10 9.16 9.76
C HIS A 102 8.04 10.41 10.64
N GLU A 103 8.89 11.39 10.40
CA GLU A 103 8.82 12.66 11.16
C GLU A 103 7.53 13.40 10.81
N ARG A 104 7.13 13.36 9.55
CA ARG A 104 5.87 14.00 9.11
C ARG A 104 4.73 13.25 9.79
N LEU A 105 4.75 11.90 9.73
CA LEU A 105 3.67 11.11 10.39
C LEU A 105 3.57 11.52 11.87
N ASP A 106 4.71 11.64 12.55
CA ASP A 106 4.73 11.98 13.99
C ASP A 106 4.04 13.33 14.20
N LYS A 107 4.36 14.33 13.39
CA LYS A 107 3.69 15.66 13.52
C LYS A 107 2.17 15.50 13.35
N ALA A 108 1.74 14.70 12.39
CA ALA A 108 0.30 14.50 12.09
C ALA A 108 -0.36 13.71 13.23
N VAL A 109 0.35 12.73 13.80
CA VAL A 109 -0.18 11.92 14.92
C VAL A 109 -0.51 12.87 16.08
N LYS A 110 0.32 13.90 16.26
CA LYS A 110 0.14 14.88 17.37
C LYS A 110 -1.06 15.78 17.10
N MET A 111 -1.61 15.78 15.88
CA MET A 111 -2.92 16.41 15.57
C MET A 111 -4.02 15.39 15.81
N ASP A 112 -3.91 14.20 15.22
CA ASP A 112 -4.89 13.11 15.47
C ASP A 112 -4.27 11.80 15.03
N ARG A 113 -4.08 10.88 15.95
CA ARG A 113 -3.36 9.63 15.67
C ARG A 113 -4.09 8.81 14.59
N ASP A 114 -5.39 8.59 14.73
CA ASP A 114 -6.09 7.70 13.79
C ASP A 114 -6.10 8.29 12.38
N CYS A 115 -6.36 9.58 12.25
CA CYS A 115 -6.34 10.22 10.91
C CYS A 115 -4.92 10.12 10.33
N ALA A 116 -3.90 10.38 11.14
CA ALA A 116 -2.50 10.38 10.64
C ALA A 116 -2.14 8.97 10.15
N LEU A 117 -2.38 7.94 10.94
CA LEU A 117 -1.96 6.58 10.51
C LEU A 117 -2.69 6.18 9.22
N GLN A 118 -3.93 6.65 9.06
CA GLN A 118 -4.75 6.33 7.87
C GLN A 118 -4.30 7.12 6.64
N SER A 119 -3.55 8.18 6.84
CA SER A 119 -3.15 9.13 5.76
C SER A 119 -1.77 8.80 5.22
N ALA A 120 -1.11 7.77 5.71
CA ALA A 120 0.14 7.26 5.15
C ALA A 120 -0.15 6.04 4.28
N SER A 121 0.61 5.88 3.21
CA SER A 121 0.72 4.63 2.46
C SER A 121 1.83 3.80 3.09
N TRP A 122 1.61 2.50 3.26
CA TRP A 122 2.49 1.65 4.07
C TRP A 122 3.07 0.49 3.28
N GLY A 123 4.31 0.14 3.60
CA GLY A 123 4.89 -1.17 3.26
C GLY A 123 5.15 -1.37 1.77
N LEU A 124 5.41 -2.62 1.42
CA LEU A 124 5.82 -3.03 0.06
C LEU A 124 4.91 -2.39 -0.98
N PHE A 125 3.59 -2.50 -0.81
CA PHE A 125 2.65 -2.13 -1.88
C PHE A 125 2.05 -0.75 -1.66
N GLN A 126 2.52 -0.02 -0.65
CA GLN A 126 2.13 1.39 -0.39
C GLN A 126 0.60 1.45 -0.34
N ILE A 127 0.03 0.68 0.58
CA ILE A 127 -1.43 0.63 0.81
C ILE A 127 -1.81 1.70 1.83
N MET A 128 -2.80 2.52 1.47
CA MET A 128 -3.27 3.60 2.36
C MET A 128 -3.85 3.01 3.65
N GLY A 129 -3.50 3.58 4.78
CA GLY A 129 -4.00 3.08 6.08
C GLY A 129 -5.50 3.19 6.20
N PHE A 130 -6.16 4.09 5.47
CA PHE A 130 -7.63 4.23 5.55
C PHE A 130 -8.35 2.98 5.02
N HIS A 131 -7.64 2.08 4.37
CA HIS A 131 -8.24 0.79 3.92
C HIS A 131 -8.33 -0.21 5.06
N TRP A 132 -7.88 0.11 6.28
CA TRP A 132 -7.74 -0.90 7.36
C TRP A 132 -9.03 -1.72 7.54
N GLU A 133 -10.18 -1.06 7.55
CA GLU A 133 -11.45 -1.72 7.96
C GLU A 133 -11.91 -2.62 6.79
N ALA A 134 -11.86 -2.10 5.57
CA ALA A 134 -12.25 -2.89 4.38
C ALA A 134 -11.36 -4.15 4.29
N LEU A 135 -10.09 -4.04 4.67
CA LEU A 135 -9.11 -5.14 4.59
C LEU A 135 -9.35 -6.15 5.71
N GLY A 136 -10.22 -5.84 6.67
CA GLY A 136 -10.60 -6.81 7.71
C GLY A 136 -9.77 -6.70 8.97
N TYR A 137 -8.90 -5.70 9.10
CA TYR A 137 -8.16 -5.49 10.36
C TYR A 137 -9.14 -4.98 11.43
N ALA A 138 -8.88 -5.33 12.69
CA ALA A 138 -9.78 -4.99 13.82
C ALA A 138 -9.79 -3.48 14.06
N SER A 139 -8.71 -2.81 13.71
CA SER A 139 -8.48 -1.39 14.01
C SER A 139 -7.38 -0.86 13.13
N VAL A 140 -7.26 0.45 13.09
CA VAL A 140 -6.12 1.09 12.42
C VAL A 140 -4.83 0.57 13.06
N GLN A 141 -4.80 0.46 14.39
CA GLN A 141 -3.59 -0.02 15.08
C GLN A 141 -3.23 -1.45 14.62
N ALA A 142 -4.22 -2.33 14.46
CA ALA A 142 -3.94 -3.71 14.00
C ALA A 142 -3.33 -3.67 12.59
N PHE A 143 -3.85 -2.81 11.73
CA PHE A 143 -3.30 -2.63 10.37
C PHE A 143 -1.82 -2.21 10.49
N VAL A 144 -1.56 -1.22 11.34
CA VAL A 144 -0.18 -0.69 11.52
C VAL A 144 0.73 -1.79 12.06
N ASN A 145 0.27 -2.54 13.06
CA ASN A 145 1.10 -3.65 13.59
C ASN A 145 1.45 -4.63 12.47
N ALA A 146 0.51 -4.90 11.56
CA ALA A 146 0.74 -5.84 10.45
C ALA A 146 1.83 -5.28 9.52
N GLN A 147 1.97 -3.96 9.43
CA GLN A 147 3.03 -3.34 8.60
C GLN A 147 4.40 -3.51 9.29
N TYR A 148 4.42 -3.40 10.62
CA TYR A 148 5.69 -3.57 11.37
C TYR A 148 6.14 -5.04 11.42
N ALA A 149 5.23 -6.00 11.26
CA ALA A 149 5.50 -7.41 11.62
C ALA A 149 6.58 -8.01 10.70
N SER A 150 6.44 -7.86 9.39
CA SER A 150 7.31 -8.56 8.40
C SER A 150 6.91 -8.14 6.99
N GLU A 151 7.77 -8.42 6.02
CA GLU A 151 7.38 -8.25 4.60
C GLU A 151 6.25 -9.23 4.25
N GLY A 152 6.27 -10.44 4.80
CA GLY A 152 5.20 -11.42 4.55
C GLY A 152 3.84 -10.88 5.00
N SER A 153 3.83 -10.18 6.14
CA SER A 153 2.60 -9.57 6.65
C SER A 153 2.14 -8.45 5.71
N GLN A 154 3.08 -7.63 5.21
CA GLN A 154 2.76 -6.57 4.24
C GLN A 154 2.25 -7.19 2.91
N LEU A 155 2.80 -8.33 2.50
CA LEU A 155 2.28 -9.03 1.29
C LEU A 155 0.85 -9.50 1.58
N ASN A 156 0.57 -9.93 2.82
CA ASN A 156 -0.80 -10.32 3.19
C ASN A 156 -1.74 -9.11 3.10
N THR A 157 -1.29 -7.90 3.45
CA THR A 157 -2.15 -6.71 3.29
C THR A 157 -2.55 -6.60 1.81
N PHE A 158 -1.58 -6.77 0.91
CA PHE A 158 -1.82 -6.72 -0.55
C PHE A 158 -2.79 -7.84 -0.96
N VAL A 159 -2.60 -9.05 -0.44
CA VAL A 159 -3.51 -10.18 -0.73
C VAL A 159 -4.95 -9.76 -0.38
N ARG A 160 -5.13 -9.21 0.81
CA ARG A 160 -6.48 -8.79 1.25
C ARG A 160 -7.02 -7.72 0.31
N PHE A 161 -6.16 -6.79 -0.12
CA PHE A 161 -6.59 -5.70 -1.03
C PHE A 161 -7.13 -6.29 -2.34
N ILE A 162 -6.44 -7.28 -2.87
CA ILE A 162 -6.91 -7.98 -4.10
C ILE A 162 -8.23 -8.70 -3.82
N LYS A 163 -8.33 -9.39 -2.68
CA LYS A 163 -9.57 -10.15 -2.37
C LYS A 163 -10.78 -9.22 -2.29
N ILE A 164 -10.64 -8.03 -1.71
CA ILE A 164 -11.81 -7.14 -1.52
C ILE A 164 -12.11 -6.36 -2.79
N ASN A 165 -11.33 -6.58 -3.86
CA ASN A 165 -11.52 -5.94 -5.17
C ASN A 165 -11.69 -7.04 -6.22
N PRO A 166 -12.86 -7.73 -6.24
CA PRO A 166 -13.02 -8.89 -7.11
C PRO A 166 -12.64 -8.65 -8.59
N ALA A 167 -12.96 -7.48 -9.15
CA ALA A 167 -12.64 -7.20 -10.57
C ALA A 167 -11.11 -7.24 -10.76
N ILE A 168 -10.35 -6.68 -9.81
CA ILE A 168 -8.86 -6.75 -9.87
C ILE A 168 -8.42 -8.21 -9.70
N HIS A 169 -9.03 -8.92 -8.76
CA HIS A 169 -8.69 -10.34 -8.50
C HIS A 169 -8.89 -11.15 -9.80
N LYS A 170 -10.00 -10.93 -10.47
CA LYS A 170 -10.36 -11.68 -11.69
C LYS A 170 -9.36 -11.35 -12.80
N ALA A 171 -8.99 -10.09 -12.92
CA ALA A 171 -7.98 -9.67 -13.94
C ALA A 171 -6.65 -10.36 -13.65
N LEU A 172 -6.27 -10.46 -12.38
CA LEU A 172 -4.99 -11.11 -12.03
C LEU A 172 -5.06 -12.58 -12.43
N LYS A 173 -6.13 -13.28 -12.05
CA LYS A 173 -6.32 -14.74 -12.36
C LYS A 173 -6.27 -15.00 -13.86
N SER A 174 -6.88 -14.13 -14.64
CA SER A 174 -6.94 -14.30 -16.12
C SER A 174 -5.67 -13.75 -16.79
N LYS A 175 -4.72 -13.20 -16.02
CA LYS A 175 -3.45 -12.64 -16.58
C LYS A 175 -3.79 -11.52 -17.56
N ASN A 176 -4.88 -10.81 -17.33
CA ASN A 176 -5.26 -9.67 -18.18
C ASN A 176 -4.54 -8.45 -17.60
N TRP A 177 -3.28 -8.31 -17.98
CA TRP A 177 -2.39 -7.31 -17.34
C TRP A 177 -2.92 -5.90 -17.58
N ALA A 178 -3.50 -5.59 -18.74
CA ALA A 178 -4.03 -4.24 -19.02
C ALA A 178 -5.22 -3.95 -18.09
N GLU A 179 -6.12 -4.90 -17.90
CA GLU A 179 -7.28 -4.68 -17.01
C GLU A 179 -6.76 -4.53 -15.58
N PHE A 180 -5.80 -5.36 -15.20
CA PHE A 180 -5.22 -5.34 -13.84
C PHE A 180 -4.64 -3.94 -13.63
N ALA A 181 -3.80 -3.48 -14.56
CA ALA A 181 -3.08 -2.20 -14.40
C ALA A 181 -4.07 -1.04 -14.41
N LYS A 182 -5.07 -1.06 -15.30
CA LYS A 182 -6.08 0.01 -15.37
C LYS A 182 -6.75 0.14 -13.99
N ARG A 183 -7.10 -0.97 -13.36
CA ARG A 183 -7.87 -0.94 -12.10
C ARG A 183 -6.95 -0.67 -10.91
N TYR A 184 -5.75 -1.23 -10.92
CA TYR A 184 -4.80 -1.13 -9.77
C TYR A 184 -4.03 0.19 -9.82
N ASN A 185 -3.46 0.53 -10.98
CA ASN A 185 -2.64 1.75 -11.17
C ASN A 185 -3.51 2.94 -11.58
N GLY A 186 -4.67 2.71 -12.16
CA GLY A 186 -5.61 3.76 -12.54
C GLY A 186 -5.55 4.11 -14.03
N PRO A 187 -6.34 5.11 -14.45
CA PRO A 187 -6.55 5.39 -15.88
C PRO A 187 -5.28 5.80 -16.64
N ASP A 188 -4.24 6.29 -15.96
CA ASP A 188 -2.97 6.71 -16.63
C ASP A 188 -1.92 5.60 -16.53
N TYR A 189 -2.31 4.34 -16.32
CA TYR A 189 -1.37 3.20 -16.18
C TYR A 189 -0.43 3.12 -17.39
N LYS A 190 -0.89 3.55 -18.56
CA LYS A 190 -0.14 3.35 -19.82
C LYS A 190 1.07 4.32 -19.86
N LYS A 191 1.01 5.44 -19.13
CA LYS A 191 2.11 6.43 -19.05
C LYS A 191 3.40 5.73 -18.58
N ASN A 192 3.30 4.79 -17.63
CA ASN A 192 4.46 4.05 -17.07
C ASN A 192 4.47 2.60 -17.60
N ASN A 193 3.65 2.29 -18.61
CA ASN A 193 3.64 0.99 -19.30
C ASN A 193 3.48 -0.16 -18.30
N TYR A 194 2.64 0.03 -17.28
CA TYR A 194 2.46 -0.97 -16.21
C TYR A 194 2.01 -2.32 -16.77
N ASP A 195 1.13 -2.32 -17.76
CA ASP A 195 0.60 -3.57 -18.35
C ASP A 195 1.76 -4.36 -18.99
N VAL A 196 2.57 -3.71 -19.81
CA VAL A 196 3.71 -4.41 -20.47
C VAL A 196 4.73 -4.85 -19.43
N LYS A 197 5.01 -4.03 -18.40
CA LYS A 197 5.98 -4.43 -17.36
C LYS A 197 5.48 -5.68 -16.64
N LEU A 198 4.18 -5.75 -16.35
CA LEU A 198 3.60 -6.95 -15.69
C LEU A 198 3.74 -8.17 -16.61
N ALA A 199 3.46 -8.02 -17.90
CA ALA A 199 3.53 -9.14 -18.87
C ALA A 199 4.97 -9.64 -18.96
N GLU A 200 5.91 -8.71 -19.06
CA GLU A 200 7.34 -9.07 -19.20
C GLU A 200 7.83 -9.72 -17.89
N ALA A 201 7.44 -9.17 -16.74
CA ALA A 201 7.83 -9.76 -15.44
C ALA A 201 7.26 -11.18 -15.33
N TYR A 202 6.00 -11.37 -15.69
CA TYR A 202 5.35 -12.69 -15.64
C TYR A 202 6.17 -13.69 -16.45
N GLN A 203 6.55 -13.32 -17.67
CA GLN A 203 7.34 -14.23 -18.56
C GLN A 203 8.68 -14.57 -17.90
N SER A 204 9.29 -13.62 -17.19
CA SER A 204 10.61 -13.79 -16.54
C SER A 204 10.53 -14.79 -15.37
N PHE A 205 9.37 -14.96 -14.76
CA PHE A 205 9.19 -15.86 -13.59
C PHE A 205 8.53 -17.18 -14.00
N LYS A 206 7.94 -17.26 -15.20
CA LYS A 206 7.08 -18.42 -15.56
C LYS A 206 7.97 -19.53 -16.14
N ALA B 1 3.96 0.96 16.39
CA ALA B 1 3.34 -0.33 16.71
C ALA B 1 2.97 -0.37 18.19
#